data_6KHH
#
_entry.id   6KHH
#
_cell.length_a   112.567
_cell.length_b   112.567
_cell.length_c   112.567
_cell.angle_alpha   90.000
_cell.angle_beta   90.000
_cell.angle_gamma   90.000
#
_symmetry.space_group_name_H-M   'P 4 3 2'
#
loop_
_entity.id
_entity.type
_entity.pdbx_description
1 polymer 'Imidazoleglycerol-phosphate dehydratase'
2 non-polymer 'MANGANESE (II) ION'
3 non-polymer 'CHLORIDE ION'
4 non-polymer ACETAMIDE
5 water water
#
_entity_poly.entity_id   1
_entity_poly.type   'polypeptide(L)'
_entity_poly.pdbx_seq_one_letter_code
;SRRARIERRTRESDIVIELDLDGTGQVAVDTGVPFYDHMLTALGSHASFDLTVRATGDVEIEAHHTIEDTAIALGTALGQ
ALGDKRGIRRFGDAFIPMDETLAHAAVDLSGRPYCVHTGEPDHLQHTTIAGSSVPYHTVINRHVFESLAANARIALHVRV
LYGRDPHHITEAQY(LYZ)AVARALRQAVEPDPRV
;
_entity_poly.pdbx_strand_id   A
#
# COMPACT_ATOMS: atom_id res chain seq x y z
N SER A 1 15.74 -5.08 14.93
CA SER A 1 15.52 -5.65 13.56
C SER A 1 14.02 -5.82 13.27
N ARG A 2 13.51 -5.06 12.29
CA ARG A 2 12.08 -4.99 11.93
C ARG A 2 11.93 -5.44 10.48
N ARG A 3 12.03 -6.76 10.30
CA ARG A 3 12.11 -7.46 8.99
C ARG A 3 11.10 -8.59 8.96
N ALA A 4 10.54 -8.89 7.80
CA ALA A 4 9.66 -10.04 7.62
C ALA A 4 9.86 -10.57 6.20
N ARG A 5 9.77 -11.88 6.07
CA ARG A 5 9.62 -12.56 4.77
C ARG A 5 8.31 -13.34 4.83
N ILE A 6 7.40 -13.07 3.92
CA ILE A 6 6.09 -13.76 3.78
C ILE A 6 6.07 -14.43 2.41
N GLU A 7 5.77 -15.72 2.41
CA GLU A 7 5.44 -16.52 1.20
C GLU A 7 3.97 -16.91 1.28
N ARG A 8 3.25 -16.62 0.23
CA ARG A 8 1.79 -16.86 0.12
CA ARG A 8 1.81 -16.94 0.15
C ARG A 8 1.52 -17.57 -1.21
N ARG A 9 1.15 -18.86 -1.17
CA ARG A 9 0.74 -19.60 -2.37
C ARG A 9 -0.75 -19.91 -2.25
N THR A 10 -1.54 -19.54 -3.24
CA THR A 10 -2.98 -19.78 -3.28
C THR A 10 -3.21 -20.50 -4.61
N ARG A 11 -4.44 -20.91 -4.88
CA ARG A 11 -4.83 -21.44 -6.22
C ARG A 11 -4.45 -20.40 -7.28
N GLU A 12 -4.61 -19.11 -6.97
CA GLU A 12 -4.58 -18.01 -7.98
C GLU A 12 -3.16 -17.46 -8.14
N SER A 13 -2.34 -17.47 -7.10
CA SER A 13 -1.05 -16.73 -7.15
C SER A 13 -0.02 -17.30 -6.18
N ASP A 14 1.22 -16.91 -6.48
CA ASP A 14 2.41 -17.22 -5.66
C ASP A 14 3.14 -15.89 -5.38
N ILE A 15 3.27 -15.57 -4.10
CA ILE A 15 3.79 -14.26 -3.64
C ILE A 15 4.97 -14.53 -2.71
N VAL A 16 6.03 -13.76 -2.89
CA VAL A 16 7.14 -13.57 -1.90
C VAL A 16 7.34 -12.08 -1.64
N ILE A 17 7.30 -11.69 -0.37
CA ILE A 17 7.54 -10.31 0.14
C ILE A 17 8.75 -10.38 1.07
N GLU A 18 9.75 -9.52 0.87
CA GLU A 18 10.81 -9.26 1.87
C GLU A 18 10.70 -7.78 2.23
N LEU A 19 10.46 -7.52 3.49
CA LEU A 19 10.19 -6.16 3.99
C LEU A 19 11.14 -5.88 5.15
N ASP A 20 11.77 -4.70 5.11
CA ASP A 20 12.48 -4.09 6.25
C ASP A 20 11.89 -2.71 6.51
N LEU A 21 11.36 -2.47 7.70
CA LEU A 21 10.73 -1.15 8.00
C LEU A 21 11.82 -0.07 8.06
N ASP A 22 13.05 -0.44 8.37
CA ASP A 22 14.09 0.58 8.68
C ASP A 22 15.01 0.67 7.47
N GLY A 23 14.45 0.86 6.28
CA GLY A 23 15.21 0.83 5.03
C GLY A 23 15.59 2.22 4.56
N THR A 24 16.03 2.28 3.31
CA THR A 24 16.44 3.50 2.57
C THR A 24 15.73 3.56 1.21
N GLY A 25 14.58 2.91 1.06
CA GLY A 25 13.86 2.90 -0.23
C GLY A 25 14.54 2.02 -1.26
N GLN A 26 15.23 0.96 -0.84
CA GLN A 26 15.71 -0.10 -1.78
C GLN A 26 14.52 -1.00 -2.13
N VAL A 27 13.95 -0.81 -3.32
CA VAL A 27 12.62 -1.38 -3.65
C VAL A 27 12.69 -2.06 -5.02
N ALA A 28 12.18 -3.26 -5.09
CA ALA A 28 12.04 -4.04 -6.35
C ALA A 28 10.72 -4.79 -6.31
N VAL A 29 9.84 -4.45 -7.26
CA VAL A 29 8.48 -5.05 -7.34
C VAL A 29 8.25 -5.62 -8.73
N ASP A 30 7.78 -6.86 -8.79
CA ASP A 30 7.38 -7.51 -10.05
C ASP A 30 6.17 -8.41 -9.78
N THR A 31 4.99 -8.02 -10.23
CA THR A 31 3.70 -8.72 -9.99
C THR A 31 3.05 -9.17 -11.31
N GLY A 32 3.59 -8.74 -12.45
CA GLY A 32 2.99 -8.97 -13.77
C GLY A 32 1.89 -7.97 -14.13
N VAL A 33 1.58 -7.03 -13.22
CA VAL A 33 0.66 -5.88 -13.41
C VAL A 33 1.44 -4.57 -13.29
N PRO A 34 2.03 -4.06 -14.39
CA PRO A 34 3.02 -2.99 -14.29
C PRO A 34 2.57 -1.69 -13.62
N PHE A 35 1.31 -1.27 -13.73
CA PHE A 35 0.85 -0.08 -13.00
C PHE A 35 0.87 -0.37 -11.49
N TYR A 36 0.53 -1.60 -11.10
CA TYR A 36 0.56 -1.99 -9.67
C TYR A 36 2.00 -1.99 -9.19
N ASP A 37 2.90 -2.51 -10.01
CA ASP A 37 4.33 -2.52 -9.63
C ASP A 37 4.74 -1.06 -9.33
N HIS A 38 4.35 -0.15 -10.19
CA HIS A 38 4.65 1.31 -10.05
C HIS A 38 4.06 1.81 -8.73
N MET A 39 2.84 1.41 -8.38
CA MET A 39 2.23 1.92 -7.13
C MET A 39 2.94 1.34 -5.91
N LEU A 40 3.27 0.06 -5.91
CA LEU A 40 3.92 -0.58 -4.73
C LEU A 40 5.38 -0.12 -4.65
N THR A 41 6.01 0.24 -5.75
CA THR A 41 7.36 0.80 -5.77
C THR A 41 7.28 2.18 -5.14
N ALA A 42 6.31 2.99 -5.54
CA ALA A 42 6.09 4.29 -4.87
C ALA A 42 5.84 4.07 -3.37
N LEU A 43 4.99 3.11 -3.00
CA LEU A 43 4.66 2.88 -1.58
CA LEU A 43 4.65 2.83 -1.58
C LEU A 43 5.94 2.51 -0.82
N GLY A 44 6.73 1.57 -1.33
CA GLY A 44 7.98 1.13 -0.69
C GLY A 44 8.97 2.27 -0.57
N SER A 45 9.16 3.07 -1.62
CA SER A 45 10.17 4.15 -1.61
CA SER A 45 10.15 4.17 -1.64
CA SER A 45 10.17 4.16 -1.60
C SER A 45 9.73 5.26 -0.64
N HIS A 46 8.48 5.71 -0.74
CA HIS A 46 8.05 6.88 0.05
C HIS A 46 7.94 6.52 1.53
N ALA A 47 7.78 5.24 1.87
CA ALA A 47 7.73 4.75 3.26
C ALA A 47 9.15 4.56 3.82
N SER A 48 10.16 4.71 2.98
CA SER A 48 11.60 4.43 3.27
CA SER A 48 11.57 4.47 3.35
C SER A 48 11.75 2.99 3.75
N PHE A 49 10.96 2.10 3.16
CA PHE A 49 11.10 0.65 3.39
C PHE A 49 12.22 0.15 2.49
N ASP A 50 12.84 -0.99 2.80
CA ASP A 50 13.45 -1.87 1.79
C ASP A 50 12.37 -2.93 1.53
N LEU A 51 12.03 -3.17 0.27
CA LEU A 51 10.88 -4.00 -0.13
C LEU A 51 11.18 -4.73 -1.42
N THR A 52 11.12 -6.06 -1.39
CA THR A 52 11.08 -6.86 -2.62
C THR A 52 9.74 -7.57 -2.64
N VAL A 53 9.11 -7.53 -3.78
CA VAL A 53 7.85 -8.24 -4.05
C VAL A 53 8.03 -9.00 -5.34
N ARG A 54 7.80 -10.29 -5.30
CA ARG A 54 7.74 -11.15 -6.50
C ARG A 54 6.41 -11.89 -6.46
N ALA A 55 5.57 -11.66 -7.45
CA ALA A 55 4.23 -12.26 -7.54
C ALA A 55 3.99 -12.72 -8.96
N THR A 56 3.44 -13.94 -9.08
CA THR A 56 2.95 -14.52 -10.36
CA THR A 56 2.94 -14.49 -10.36
C THR A 56 1.53 -15.00 -10.11
N GLY A 57 0.61 -14.63 -10.98
CA GLY A 57 -0.77 -15.05 -10.76
C GLY A 57 -1.54 -15.13 -12.04
N ASP A 58 -2.85 -15.23 -11.89
CA ASP A 58 -3.76 -15.64 -12.98
C ASP A 58 -4.20 -14.41 -13.75
N VAL A 59 -3.24 -13.65 -14.29
CA VAL A 59 -3.56 -12.36 -14.98
C VAL A 59 -4.28 -12.61 -16.31
N GLU A 60 -4.43 -13.85 -16.74
CA GLU A 60 -5.28 -14.18 -17.92
C GLU A 60 -6.73 -13.79 -17.62
N ILE A 61 -7.12 -13.96 -16.37
CA ILE A 61 -8.47 -13.59 -15.88
C ILE A 61 -8.55 -12.06 -15.79
N GLU A 62 -7.69 -11.47 -14.96
CA GLU A 62 -7.41 -10.02 -14.79
C GLU A 62 -6.47 -9.87 -13.58
N ALA A 63 -6.14 -8.65 -13.22
CA ALA A 63 -5.12 -8.39 -12.21
C ALA A 63 -5.68 -8.65 -10.81
N HIS A 64 -7.00 -8.70 -10.64
CA HIS A 64 -7.63 -8.62 -9.29
C HIS A 64 -7.00 -9.65 -8.33
N HIS A 65 -7.01 -10.93 -8.66
CA HIS A 65 -6.51 -11.95 -7.68
C HIS A 65 -5.05 -11.68 -7.27
N THR A 66 -4.17 -11.43 -8.24
CA THR A 66 -2.74 -11.13 -7.95
C THR A 66 -2.63 -9.89 -7.07
N ILE A 67 -3.34 -8.82 -7.42
CA ILE A 67 -3.30 -7.55 -6.66
C ILE A 67 -3.74 -7.79 -5.21
N GLU A 68 -4.84 -8.53 -5.00
CA GLU A 68 -5.42 -8.75 -3.66
C GLU A 68 -4.46 -9.63 -2.84
N ASP A 69 -3.98 -10.72 -3.43
CA ASP A 69 -3.07 -11.67 -2.74
C ASP A 69 -1.79 -10.92 -2.37
N THR A 70 -1.30 -10.05 -3.25
CA THR A 70 -0.08 -9.27 -2.93
C THR A 70 -0.34 -8.33 -1.76
N ALA A 71 -1.45 -7.61 -1.75
CA ALA A 71 -1.77 -6.67 -0.66
C ALA A 71 -2.00 -7.44 0.66
N ILE A 72 -2.62 -8.62 0.61
CA ILE A 72 -2.76 -9.45 1.83
C ILE A 72 -1.38 -9.85 2.35
N ALA A 73 -0.50 -10.34 1.46
CA ALA A 73 0.86 -10.78 1.85
C ALA A 73 1.64 -9.57 2.40
N LEU A 74 1.48 -8.41 1.77
CA LEU A 74 2.23 -7.20 2.15
C LEU A 74 1.73 -6.72 3.51
N GLY A 75 0.42 -6.69 3.72
CA GLY A 75 -0.19 -6.42 5.03
C GLY A 75 0.34 -7.38 6.10
N THR A 76 0.39 -8.67 5.80
CA THR A 76 0.89 -9.68 6.77
C THR A 76 2.34 -9.33 7.14
N ALA A 77 3.17 -9.02 6.16
CA ALA A 77 4.59 -8.67 6.33
C ALA A 77 4.74 -7.42 7.20
N LEU A 78 3.92 -6.40 6.95
CA LEU A 78 3.98 -5.14 7.75
C LEU A 78 3.65 -5.46 9.21
N GLY A 79 2.60 -6.24 9.46
CA GLY A 79 2.20 -6.59 10.83
C GLY A 79 3.30 -7.39 11.53
N GLN A 80 3.87 -8.37 10.84
CA GLN A 80 4.94 -9.22 11.42
C GLN A 80 6.19 -8.36 11.69
N ALA A 81 6.63 -7.52 10.76
CA ALA A 81 7.80 -6.66 10.97
C ALA A 81 7.58 -5.67 12.15
N LEU A 82 6.37 -5.17 12.38
CA LEU A 82 6.10 -4.18 13.46
C LEU A 82 6.25 -4.85 14.82
N GLY A 83 6.02 -6.17 14.88
CA GLY A 83 6.16 -6.98 16.10
C GLY A 83 5.30 -6.40 17.21
N ASP A 84 5.90 -6.08 18.35
CA ASP A 84 5.16 -5.62 19.57
C ASP A 84 4.79 -4.14 19.46
N LYS A 85 5.37 -3.40 18.49
CA LYS A 85 5.06 -1.96 18.25
C LYS A 85 5.47 -1.11 19.46
N ARG A 86 6.43 -1.54 20.26
CA ARG A 86 6.86 -0.82 21.48
C ARG A 86 7.71 0.39 21.03
N GLY A 87 7.48 1.58 21.59
CA GLY A 87 8.38 2.73 21.42
C GLY A 87 8.22 3.43 20.07
N ILE A 88 7.17 3.15 19.33
CA ILE A 88 6.99 3.80 18.00
C ILE A 88 5.99 4.97 18.07
N ARG A 89 6.01 5.79 17.07
CA ARG A 89 5.14 6.98 16.98
C ARG A 89 3.66 6.57 16.97
N ARG A 90 3.36 5.45 16.31
CA ARG A 90 2.03 4.78 16.30
C ARG A 90 1.09 5.48 15.29
N PHE A 91 0.97 6.78 15.42
CA PHE A 91 0.10 7.63 14.57
C PHE A 91 0.97 8.26 13.49
N GLY A 92 0.44 8.26 12.28
CA GLY A 92 1.11 8.96 11.18
C GLY A 92 0.08 9.47 10.19
N ASP A 93 0.39 10.55 9.49
CA ASP A 93 -0.48 11.05 8.40
C ASP A 93 0.36 11.83 7.40
N ALA A 94 -0.14 11.97 6.18
CA ALA A 94 0.58 12.66 5.10
C ALA A 94 -0.44 13.17 4.08
N PHE A 95 -0.21 14.41 3.66
CA PHE A 95 -0.89 14.99 2.49
C PHE A 95 0.01 14.84 1.28
N ILE A 96 -0.56 14.48 0.13
CA ILE A 96 0.22 14.37 -1.12
C ILE A 96 -0.49 15.17 -2.21
N PRO A 97 0.04 16.36 -2.57
CA PRO A 97 -0.42 17.08 -3.75
C PRO A 97 0.23 16.44 -4.97
N MET A 98 -0.59 16.20 -5.98
CA MET A 98 -0.05 15.70 -7.27
C MET A 98 -0.77 16.40 -8.41
N ASP A 99 -0.18 17.47 -8.91
CA ASP A 99 -0.83 18.37 -9.89
C ASP A 99 -2.18 18.79 -9.28
N GLU A 100 -3.30 18.49 -9.92
CA GLU A 100 -4.65 18.94 -9.53
C GLU A 100 -5.16 18.14 -8.32
N THR A 101 -4.54 17.00 -7.99
CA THR A 101 -5.03 16.06 -6.97
C THR A 101 -4.43 16.38 -5.60
N LEU A 102 -5.24 16.31 -4.55
CA LEU A 102 -4.75 16.26 -3.16
CA LEU A 102 -4.76 16.29 -3.16
C LEU A 102 -5.32 15.01 -2.51
N ALA A 103 -4.46 14.17 -1.98
CA ALA A 103 -4.86 12.99 -1.21
C ALA A 103 -4.26 13.08 0.19
N HIS A 104 -4.81 12.28 1.10
CA HIS A 104 -4.40 12.25 2.52
C HIS A 104 -4.54 10.84 3.02
N ALA A 105 -3.66 10.43 3.91
CA ALA A 105 -3.83 9.17 4.66
C ALA A 105 -3.42 9.46 6.10
N ALA A 106 -4.19 8.85 6.98
CA ALA A 106 -3.91 8.77 8.43
C ALA A 106 -3.93 7.32 8.87
N VAL A 107 -3.00 7.01 9.77
CA VAL A 107 -2.87 5.63 10.28
CA VAL A 107 -2.80 5.64 10.28
C VAL A 107 -2.77 5.63 11.81
N ASP A 108 -3.29 4.57 12.41
CA ASP A 108 -3.04 4.16 13.82
C ASP A 108 -2.56 2.71 13.82
N LEU A 109 -1.30 2.50 14.09
CA LEU A 109 -0.66 1.16 13.93
C LEU A 109 -1.07 0.21 15.04
N SER A 110 -1.48 0.71 16.19
CA SER A 110 -2.03 -0.05 17.33
C SER A 110 -3.56 0.03 17.35
N GLY A 111 -4.19 0.60 16.33
CA GLY A 111 -5.65 0.53 16.23
C GLY A 111 -6.12 -0.86 15.79
N ARG A 112 -7.38 -1.22 16.04
N ARG A 112 -7.39 -1.17 16.05
CA ARG A 112 -7.89 -2.51 15.50
CA ARG A 112 -8.06 -2.36 15.48
C ARG A 112 -7.98 -2.34 13.99
C ARG A 112 -7.92 -2.31 13.96
N PRO A 113 -7.88 -3.46 13.24
CA PRO A 113 -7.99 -3.41 11.79
C PRO A 113 -9.25 -2.67 11.32
N TYR A 114 -9.07 -1.65 10.49
CA TYR A 114 -10.19 -0.83 9.98
C TYR A 114 -9.66 -0.06 8.78
N CYS A 115 -10.49 0.07 7.79
CA CYS A 115 -10.16 0.90 6.62
C CYS A 115 -11.38 1.74 6.26
N VAL A 116 -11.20 3.05 6.16
CA VAL A 116 -12.20 3.96 5.58
C VAL A 116 -11.53 4.62 4.38
N HIS A 117 -12.18 4.54 3.24
CA HIS A 117 -11.69 5.10 1.98
C HIS A 117 -12.76 6.05 1.46
N THR A 118 -12.50 7.38 1.39
CA THR A 118 -13.54 8.33 0.94
C THR A 118 -12.98 9.35 -0.04
N GLY A 119 -13.89 10.02 -0.78
CA GLY A 119 -13.64 11.17 -1.66
C GLY A 119 -13.21 10.78 -3.06
N GLU A 120 -12.99 9.51 -3.35
CA GLU A 120 -12.50 9.14 -4.71
C GLU A 120 -13.59 9.49 -5.73
N PRO A 121 -13.33 10.24 -6.81
CA PRO A 121 -14.38 10.52 -7.79
C PRO A 121 -15.08 9.27 -8.30
N ASP A 122 -16.36 9.39 -8.65
CA ASP A 122 -17.16 8.22 -9.08
C ASP A 122 -16.59 7.59 -10.35
N HIS A 123 -15.88 8.33 -11.20
CA HIS A 123 -15.40 7.72 -12.47
C HIS A 123 -14.34 6.65 -12.14
N LEU A 124 -13.76 6.65 -10.95
CA LEU A 124 -12.70 5.65 -10.59
C LEU A 124 -13.27 4.25 -10.30
N GLN A 125 -14.58 4.11 -10.22
CA GLN A 125 -15.21 2.78 -10.05
C GLN A 125 -15.28 2.04 -11.38
N HIS A 126 -14.98 2.65 -12.53
CA HIS A 126 -15.01 1.92 -13.82
C HIS A 126 -13.87 2.39 -14.74
N THR A 127 -12.84 3.04 -14.21
CA THR A 127 -11.68 3.50 -15.00
C THR A 127 -10.68 2.35 -15.14
N THR A 128 -10.07 2.24 -16.31
CA THR A 128 -8.91 1.34 -16.55
C THR A 128 -7.66 2.16 -16.90
N ILE A 129 -6.54 1.82 -16.28
CA ILE A 129 -5.23 2.37 -16.68
C ILE A 129 -4.53 1.27 -17.47
N ALA A 130 -4.39 1.45 -18.77
CA ALA A 130 -3.98 0.37 -19.71
C ALA A 130 -2.72 0.80 -20.43
N GLY A 131 -1.72 -0.07 -20.46
CA GLY A 131 -0.63 0.09 -21.42
C GLY A 131 -0.45 -1.14 -22.26
N SER A 132 0.78 -1.56 -22.47
CA SER A 132 1.04 -2.65 -23.44
C SER A 132 0.91 -4.00 -22.75
N SER A 133 0.59 -4.05 -21.46
CA SER A 133 0.60 -5.31 -20.67
C SER A 133 -0.77 -5.50 -19.99
N VAL A 134 -0.76 -6.05 -18.78
CA VAL A 134 -2.01 -6.33 -18.03
C VAL A 134 -2.50 -5.01 -17.48
N PRO A 135 -3.77 -4.63 -17.69
CA PRO A 135 -4.25 -3.33 -17.21
C PRO A 135 -4.62 -3.35 -15.73
N TYR A 136 -4.84 -2.14 -15.20
CA TYR A 136 -5.14 -1.89 -13.76
C TYR A 136 -6.48 -1.16 -13.71
N HIS A 137 -7.46 -1.83 -13.11
CA HIS A 137 -8.82 -1.26 -12.89
C HIS A 137 -8.83 -0.49 -11.57
N THR A 138 -9.04 0.84 -11.59
CA THR A 138 -8.86 1.69 -10.38
C THR A 138 -9.91 1.38 -9.31
N VAL A 139 -10.95 0.67 -9.66
CA VAL A 139 -11.94 0.22 -8.66
C VAL A 139 -11.24 -0.60 -7.55
N ILE A 140 -10.13 -1.24 -7.88
CA ILE A 140 -9.37 -2.09 -6.92
C ILE A 140 -8.62 -1.24 -5.88
N ASN A 141 -8.45 0.07 -6.05
CA ASN A 141 -7.69 0.87 -5.05
C ASN A 141 -8.27 0.63 -3.64
N ARG A 142 -9.57 0.76 -3.49
CA ARG A 142 -10.20 0.55 -2.18
C ARG A 142 -9.84 -0.84 -1.62
N HIS A 143 -9.90 -1.86 -2.48
CA HIS A 143 -9.66 -3.27 -2.10
C HIS A 143 -8.22 -3.42 -1.60
N VAL A 144 -7.29 -2.75 -2.27
CA VAL A 144 -5.86 -2.80 -1.84
C VAL A 144 -5.74 -2.26 -0.42
N PHE A 145 -6.26 -1.08 -0.16
CA PHE A 145 -6.11 -0.47 1.17
C PHE A 145 -6.81 -1.32 2.21
N GLU A 146 -8.03 -1.83 1.93
CA GLU A 146 -8.77 -2.71 2.90
C GLU A 146 -7.94 -3.97 3.22
N SER A 147 -7.32 -4.55 2.20
CA SER A 147 -6.53 -5.78 2.36
C SER A 147 -5.27 -5.49 3.21
N LEU A 148 -4.56 -4.42 2.91
CA LEU A 148 -3.39 -4.01 3.68
CA LEU A 148 -3.39 -4.00 3.69
C LEU A 148 -3.78 -3.82 5.14
N ALA A 149 -4.79 -3.00 5.42
CA ALA A 149 -5.24 -2.70 6.80
C ALA A 149 -5.65 -3.96 7.56
N ALA A 150 -6.45 -4.82 6.94
CA ALA A 150 -7.01 -6.03 7.58
C ALA A 150 -5.85 -6.99 7.93
N ASN A 151 -4.82 -7.07 7.10
CA ASN A 151 -3.76 -8.10 7.32
C ASN A 151 -2.60 -7.55 8.14
N ALA A 152 -2.33 -6.26 8.09
CA ALA A 152 -1.37 -5.61 9.00
C ALA A 152 -1.99 -5.36 10.39
N ARG A 153 -3.32 -5.37 10.49
CA ARG A 153 -4.11 -5.16 11.74
C ARG A 153 -3.90 -3.71 12.18
N ILE A 154 -4.21 -2.78 11.29
CA ILE A 154 -4.01 -1.33 11.57
C ILE A 154 -5.30 -0.61 11.16
N ALA A 155 -5.46 0.61 11.66
CA ALA A 155 -6.48 1.55 11.21
C ALA A 155 -5.87 2.43 10.13
N LEU A 156 -6.48 2.42 8.95
CA LEU A 156 -5.98 3.16 7.77
C LEU A 156 -7.13 3.91 7.13
N HIS A 157 -7.02 5.22 7.09
CA HIS A 157 -8.02 6.16 6.53
C HIS A 157 -7.37 6.86 5.35
N VAL A 158 -7.93 6.62 4.19
CA VAL A 158 -7.44 7.19 2.91
C VAL A 158 -8.52 8.12 2.39
N ARG A 159 -8.14 9.35 2.08
CA ARG A 159 -9.08 10.35 1.53
C ARG A 159 -8.51 10.95 0.25
N VAL A 160 -9.40 11.21 -0.69
CA VAL A 160 -9.08 12.06 -1.85
C VAL A 160 -9.87 13.33 -1.58
N LEU A 161 -9.18 14.44 -1.38
CA LEU A 161 -9.82 15.77 -1.14
CA LEU A 161 -9.88 15.73 -1.12
CA LEU A 161 -9.87 15.73 -1.12
C LEU A 161 -10.43 16.25 -2.44
N TYR A 162 -9.69 16.06 -3.54
CA TYR A 162 -10.14 16.43 -4.88
C TYR A 162 -9.10 15.89 -5.85
N GLY A 163 -9.52 15.83 -7.10
CA GLY A 163 -8.64 15.44 -8.23
C GLY A 163 -9.43 15.02 -9.44
N ARG A 164 -8.73 14.76 -10.54
CA ARG A 164 -9.37 14.50 -11.85
C ARG A 164 -8.70 13.31 -12.50
N ASP A 165 -7.40 13.36 -12.67
CA ASP A 165 -6.66 12.33 -13.46
C ASP A 165 -6.59 11.05 -12.62
N PRO A 166 -7.01 9.89 -13.14
CA PRO A 166 -7.04 8.66 -12.35
C PRO A 166 -5.66 8.14 -11.94
N HIS A 167 -4.66 8.44 -12.74
CA HIS A 167 -3.26 8.08 -12.40
C HIS A 167 -2.80 8.96 -11.24
N HIS A 168 -3.02 10.26 -11.30
CA HIS A 168 -2.70 11.18 -10.19
C HIS A 168 -3.46 10.79 -8.93
N ILE A 169 -4.75 10.48 -9.07
CA ILE A 169 -5.58 10.19 -7.86
C ILE A 169 -5.05 8.92 -7.20
N THR A 170 -4.80 7.88 -8.00
CA THR A 170 -4.32 6.59 -7.49
C THR A 170 -2.92 6.76 -6.86
N GLU A 171 -2.00 7.35 -7.58
CA GLU A 171 -0.59 7.47 -7.14
C GLU A 171 -0.54 8.35 -5.89
N ALA A 172 -1.35 9.40 -5.82
CA ALA A 172 -1.29 10.28 -4.62
C ALA A 172 -1.76 9.49 -3.39
N GLN A 173 -2.75 8.58 -3.53
CA GLN A 173 -3.23 7.74 -2.41
C GLN A 173 -2.15 6.75 -1.96
N TYR A 174 -1.50 6.05 -2.87
CA TYR A 174 -0.44 5.11 -2.48
C TYR A 174 0.68 5.87 -1.79
N ALA A 176 0.43 8.72 -0.14
CA ALA A 176 -0.02 9.23 1.13
C ALA A 176 0.02 8.14 2.21
N VAL A 177 -0.43 6.93 1.85
CA VAL A 177 -0.35 5.75 2.75
C VAL A 177 1.12 5.52 3.15
N ALA A 178 1.99 5.58 2.14
CA ALA A 178 3.44 5.35 2.30
C ALA A 178 4.00 6.35 3.33
N ARG A 179 3.80 7.63 3.13
CA ARG A 179 4.36 8.64 4.06
C ARG A 179 3.70 8.57 5.41
N ALA A 180 2.41 8.20 5.47
CA ALA A 180 1.72 8.04 6.76
C ALA A 180 2.38 6.87 7.51
N LEU A 181 2.55 5.70 6.87
CA LEU A 181 3.30 4.55 7.48
C LEU A 181 4.69 4.97 7.93
N ARG A 182 5.43 5.71 7.11
CA ARG A 182 6.81 6.08 7.45
C ARG A 182 6.80 6.81 8.80
N GLN A 183 5.91 7.80 8.96
CA GLN A 183 5.84 8.56 10.23
C GLN A 183 5.46 7.66 11.41
N ALA A 184 4.45 6.81 11.23
CA ALA A 184 3.90 5.95 12.30
C ALA A 184 4.93 4.90 12.81
N VAL A 185 5.77 4.34 11.94
CA VAL A 185 6.65 3.19 12.32
C VAL A 185 7.91 3.72 13.00
N GLU A 186 8.20 5.02 12.84
CA GLU A 186 9.40 5.73 13.35
CA GLU A 186 9.48 5.59 13.30
C GLU A 186 9.52 5.51 14.83
N PRO A 187 10.73 5.30 15.39
CA PRO A 187 10.86 5.27 16.85
C PRO A 187 10.40 6.61 17.43
N ASP A 188 9.74 6.53 18.58
CA ASP A 188 9.26 7.76 19.24
C ASP A 188 10.20 8.04 20.40
N PRO A 189 10.99 9.12 20.34
CA PRO A 189 12.02 9.38 21.34
C PRO A 189 11.51 9.66 22.78
N ARG A 190 10.20 9.81 22.97
CA ARG A 190 9.58 10.11 24.29
C ARG A 190 8.70 8.95 24.81
N VAL A 191 8.36 7.98 23.96
CA VAL A 191 7.39 6.87 24.25
C VAL A 191 8.09 5.53 24.00
#